data_4ND1
#
_entry.id   4ND1
#
_cell.length_a   94.816
_cell.length_b   94.816
_cell.length_c   185.072
_cell.angle_alpha   90.00
_cell.angle_beta   90.00
_cell.angle_gamma   120.00
#
_symmetry.space_group_name_H-M   'P 32 2 1'
#
loop_
_entity.id
_entity.type
_entity.pdbx_description
1 polymer 'Lactate dehydrogenase, adjacent gene encodes predicted malate dehydrogenase'
2 non-polymer NICOTINAMIDE-ADENINE-DINUCLEOTIDE
3 non-polymer 'OXAMIC ACID'
4 non-polymer GLYCEROL
5 water water
#
_entity_poly.entity_id   1
_entity_poly.type   'polypeptide(L)'
_entity_poly.pdbx_seq_one_letter_code
;MIERRKIAVIGSGQIGGNIAYIVGKDNLADVVLFDIAEGIPQGKALDITHSMVMFGSTSKVIGTNDYADISGSDVVIITA
SIPGRPKDDRSELLFGNARILDSVAEGVKKYCPNAFVICITNPLDVMVSHFQKVSGLPHNKVCGMAGVLDSSRFRTFIAQ
HFGVNASDVSANVIGGHGDGMVPATSSVSVGGVPLSSFIKQGLITQEQIDEIVCHTRIAWKEVADNLKTGTAYFAPAAAA
VKMAEAYLKDKKAVVPCSAFCSNHYGVKGIYMGVPTIIGKNGVEDILELDLTPLEQKLLGESINEVNTISKVLDNAPAAG
A
;
_entity_poly.pdbx_strand_id   A,B
#
# COMPACT_ATOMS: atom_id res chain seq x y z
N MET A 1 -11.89 4.02 30.32
CA MET A 1 -12.30 5.04 29.31
C MET A 1 -12.03 4.53 27.88
N ILE A 2 -12.22 5.39 26.89
CA ILE A 2 -11.86 5.08 25.51
C ILE A 2 -10.36 5.23 25.31
N GLU A 3 -9.74 4.20 24.74
CA GLU A 3 -8.36 4.29 24.27
C GLU A 3 -8.34 3.85 22.81
N ARG A 4 -7.47 4.47 22.02
CA ARG A 4 -7.28 4.07 20.63
C ARG A 4 -6.82 2.63 20.57
N ARG A 5 -7.26 1.90 19.55
CA ARG A 5 -6.74 0.56 19.28
C ARG A 5 -5.28 0.72 18.86
N LYS A 6 -4.49 -0.33 19.10
CA LYS A 6 -3.05 -0.28 18.85
C LYS A 6 -2.57 -1.60 18.27
N ILE A 7 -1.94 -1.52 17.09
CA ILE A 7 -1.38 -2.68 16.43
C ILE A 7 0.14 -2.51 16.33
N ALA A 8 0.88 -3.52 16.78
CA ALA A 8 2.33 -3.53 16.66
C ALA A 8 2.72 -4.44 15.51
N VAL A 9 3.50 -3.90 14.57
CA VAL A 9 4.01 -4.64 13.44
C VAL A 9 5.50 -4.90 13.67
N ILE A 10 5.85 -6.15 13.93
CA ILE A 10 7.24 -6.53 14.21
C ILE A 10 7.92 -6.98 12.91
N GLY A 11 8.68 -6.05 12.33
CA GLY A 11 9.28 -6.24 11.02
C GLY A 11 8.63 -5.24 10.10
N SER A 12 9.41 -4.26 9.65
CA SER A 12 8.88 -3.15 8.85
C SER A 12 9.41 -3.22 7.42
N GLY A 13 9.51 -4.44 6.90
CA GLY A 13 9.89 -4.67 5.51
C GLY A 13 8.69 -4.55 4.60
N GLN A 14 8.74 -5.25 3.47
CA GLN A 14 7.71 -5.15 2.43
C GLN A 14 6.29 -5.30 3.01
N ILE A 15 6.05 -6.41 3.68
CA ILE A 15 4.72 -6.69 4.23
C ILE A 15 4.38 -5.75 5.37
N GLY A 16 5.33 -5.57 6.28
CA GLY A 16 5.14 -4.72 7.46
C GLY A 16 4.71 -3.30 7.16
N GLY A 17 5.35 -2.71 6.14
CA GLY A 17 5.02 -1.35 5.74
C GLY A 17 3.63 -1.23 5.15
N ASN A 18 3.25 -2.21 4.32
CA ASN A 18 1.90 -2.25 3.76
C ASN A 18 0.81 -2.40 4.80
N ILE A 19 1.06 -3.21 5.83
CA ILE A 19 0.09 -3.36 6.91
C ILE A 19 -0.19 -2.01 7.57
N ALA A 20 0.87 -1.27 7.89
CA ALA A 20 0.73 0.03 8.53
C ALA A 20 -0.02 1.01 7.63
N TYR A 21 0.30 0.99 6.35
CA TYR A 21 -0.34 1.80 5.32
C TYR A 21 -1.85 1.58 5.29
N ILE A 22 -2.24 0.31 5.23
CA ILE A 22 -3.65 -0.06 5.14
C ILE A 22 -4.38 0.16 6.46
N VAL A 23 -3.75 -0.22 7.57
CA VAL A 23 -4.33 -0.01 8.89
C VAL A 23 -4.54 1.49 9.13
N GLY A 24 -3.55 2.30 8.76
CA GLY A 24 -3.67 3.74 8.86
C GLY A 24 -4.77 4.28 7.95
N LYS A 25 -4.78 3.82 6.70
CA LYS A 25 -5.81 4.25 5.74
C LYS A 25 -7.23 3.94 6.24
N ASP A 26 -7.44 2.73 6.77
CA ASP A 26 -8.76 2.33 7.28
C ASP A 26 -9.10 2.98 8.62
N ASN A 27 -8.11 3.56 9.29
CA ASN A 27 -8.26 4.06 10.66
C ASN A 27 -8.72 2.96 11.62
N LEU A 28 -8.14 1.77 11.45
CA LEU A 28 -8.47 0.63 12.30
C LEU A 28 -7.82 0.75 13.66
N ALA A 29 -6.63 1.34 13.71
CA ALA A 29 -5.85 1.45 14.94
C ALA A 29 -4.67 2.41 14.76
N ASP A 30 -4.02 2.74 15.86
CA ASP A 30 -2.67 3.30 15.81
C ASP A 30 -1.71 2.16 15.51
N VAL A 31 -0.62 2.48 14.80
CA VAL A 31 0.36 1.49 14.40
C VAL A 31 1.75 1.81 14.96
N VAL A 32 2.40 0.79 15.50
CA VAL A 32 3.80 0.89 15.88
C VAL A 32 4.59 -0.02 14.94
N LEU A 33 5.39 0.59 14.08
CA LEU A 33 6.30 -0.15 13.19
C LEU A 33 7.63 -0.42 13.90
N PHE A 34 7.87 -1.68 14.24
CA PHE A 34 9.11 -2.10 14.89
C PHE A 34 10.05 -2.75 13.89
N ASP A 35 11.32 -2.37 13.95
CA ASP A 35 12.38 -3.06 13.20
C ASP A 35 13.72 -2.83 13.90
N ILE A 36 14.63 -3.79 13.76
CA ILE A 36 15.99 -3.65 14.29
C ILE A 36 16.87 -2.83 13.37
N ALA A 37 16.54 -2.82 12.07
CA ALA A 37 17.28 -2.04 11.08
C ALA A 37 17.01 -0.56 11.25
N GLU A 38 18.07 0.23 11.44
CA GLU A 38 17.92 1.65 11.74
C GLU A 38 17.38 2.39 10.53
N GLY A 39 16.54 3.38 10.77
CA GLY A 39 15.97 4.20 9.71
C GLY A 39 14.67 3.66 9.13
N ILE A 40 14.69 2.40 8.70
CA ILE A 40 13.59 1.82 7.90
C ILE A 40 12.19 2.12 8.47
N PRO A 41 11.89 1.69 9.72
CA PRO A 41 10.53 1.93 10.21
C PRO A 41 10.21 3.40 10.44
N GLN A 42 11.22 4.19 10.81
CA GLN A 42 11.05 5.63 11.03
C GLN A 42 10.67 6.30 9.72
N GLY A 43 11.43 6.00 8.67
CA GLY A 43 11.16 6.55 7.34
C GLY A 43 9.80 6.15 6.79
N LYS A 44 9.43 4.88 6.96
CA LYS A 44 8.12 4.41 6.49
C LYS A 44 6.98 5.04 7.26
N ALA A 45 7.14 5.18 8.58
CA ALA A 45 6.09 5.74 9.45
C ALA A 45 5.85 7.23 9.16
N LEU A 46 6.92 7.97 8.93
CA LEU A 46 6.82 9.39 8.56
C LEU A 46 6.12 9.53 7.22
N ASP A 47 6.51 8.70 6.26
CA ASP A 47 5.90 8.69 4.93
C ASP A 47 4.41 8.40 5.04
N ILE A 48 4.07 7.33 5.76
CA ILE A 48 2.68 6.94 5.94
C ILE A 48 1.90 8.01 6.72
N THR A 49 2.57 8.66 7.68
CA THR A 49 1.94 9.73 8.44
C THR A 49 1.47 10.87 7.53
N HIS A 50 2.27 11.23 6.53
CA HIS A 50 1.90 12.29 5.59
C HIS A 50 0.66 11.95 4.78
N SER A 51 0.44 10.64 4.56
CA SER A 51 -0.72 10.17 3.80
C SER A 51 -2.01 10.16 4.62
N MET A 52 -1.91 10.18 5.94
CA MET A 52 -3.10 10.05 6.80
C MET A 52 -4.14 11.13 6.52
N VAL A 53 -3.71 12.38 6.49
CA VAL A 53 -4.61 13.49 6.19
C VAL A 53 -5.27 13.33 4.82
N MET A 54 -4.53 12.78 3.85
CA MET A 54 -5.09 12.51 2.52
C MET A 54 -6.22 11.48 2.61
N PHE A 55 -6.04 10.47 3.47
CA PHE A 55 -7.05 9.43 3.67
C PHE A 55 -8.16 9.83 4.64
N GLY A 56 -8.04 11.01 5.26
CA GLY A 56 -8.98 11.44 6.28
C GLY A 56 -8.92 10.58 7.54
N SER A 57 -7.74 10.05 7.83
CA SER A 57 -7.53 9.21 9.02
C SER A 57 -6.73 9.97 10.08
N THR A 58 -7.04 9.72 11.35
CA THR A 58 -6.29 10.29 12.46
C THR A 58 -5.40 9.23 13.13
N SER A 59 -5.21 8.09 12.47
CA SER A 59 -4.31 7.06 12.97
C SER A 59 -2.92 7.63 13.14
N LYS A 60 -2.30 7.32 14.27
CA LYS A 60 -0.90 7.67 14.51
C LYS A 60 -0.04 6.46 14.16
N VAL A 61 1.00 6.72 13.37
CA VAL A 61 1.93 5.67 12.94
C VAL A 61 3.36 6.13 13.23
N ILE A 62 4.08 5.35 14.06
CA ILE A 62 5.45 5.68 14.43
C ILE A 62 6.39 4.49 14.20
N GLY A 63 7.66 4.80 13.94
CA GLY A 63 8.70 3.79 13.76
C GLY A 63 9.58 3.73 14.99
N THR A 64 10.15 2.56 15.25
CA THR A 64 10.91 2.34 16.48
C THR A 64 11.80 1.10 16.41
N ASN A 65 12.79 1.06 17.29
CA ASN A 65 13.57 -0.17 17.55
C ASN A 65 13.50 -0.58 19.01
N ASP A 66 12.49 -0.07 19.71
CA ASP A 66 12.38 -0.25 21.15
C ASP A 66 11.09 -1.00 21.49
N TYR A 67 11.24 -2.20 22.05
CA TYR A 67 10.09 -3.04 22.40
C TYR A 67 9.15 -2.40 23.43
N ALA A 68 9.66 -1.43 24.18
CA ALA A 68 8.81 -0.69 25.13
C ALA A 68 7.66 0.01 24.43
N ASP A 69 7.90 0.46 23.20
CA ASP A 69 6.88 1.14 22.40
C ASP A 69 5.70 0.25 21.98
N ILE A 70 5.85 -1.08 22.03
CA ILE A 70 4.71 -1.97 21.72
C ILE A 70 3.87 -2.31 22.95
N SER A 71 4.16 -1.64 24.06
CA SER A 71 3.40 -1.81 25.30
C SER A 71 1.91 -1.51 25.10
N GLY A 72 1.05 -2.35 25.67
CA GLY A 72 -0.39 -2.17 25.58
C GLY A 72 -1.00 -2.42 24.19
N SER A 73 -0.25 -3.09 23.32
CA SER A 73 -0.75 -3.41 21.97
C SER A 73 -1.86 -4.45 22.05
N ASP A 74 -2.96 -4.20 21.34
CA ASP A 74 -4.08 -5.14 21.28
C ASP A 74 -3.75 -6.29 20.34
N VAL A 75 -3.01 -5.98 19.28
CA VAL A 75 -2.63 -6.98 18.29
C VAL A 75 -1.16 -6.81 17.95
N VAL A 76 -0.46 -7.93 17.82
CA VAL A 76 0.91 -7.95 17.35
C VAL A 76 0.97 -8.80 16.10
N ILE A 77 1.49 -8.22 15.01
CA ILE A 77 1.63 -8.92 13.75
C ILE A 77 3.12 -9.09 13.46
N ILE A 78 3.56 -10.34 13.39
CA ILE A 78 4.99 -10.65 13.24
C ILE A 78 5.35 -10.97 11.79
N THR A 79 6.10 -10.08 11.17
CA THR A 79 6.61 -10.27 9.81
C THR A 79 8.13 -10.42 9.78
N ALA A 80 8.78 -10.34 10.93
CA ALA A 80 10.26 -10.28 11.00
C ALA A 80 10.88 -11.54 10.42
N SER A 81 11.91 -11.38 9.59
CA SER A 81 12.52 -12.50 8.89
C SER A 81 13.96 -12.21 8.50
N ILE A 82 14.76 -13.27 8.39
CA ILE A 82 16.11 -13.17 7.83
C ILE A 82 16.00 -12.82 6.34
N PRO A 83 17.02 -12.17 5.77
CA PRO A 83 16.91 -11.71 4.38
C PRO A 83 17.09 -12.81 3.34
N GLY A 84 16.76 -12.50 2.09
CA GLY A 84 16.94 -13.44 0.98
C GLY A 84 15.73 -14.32 0.80
N ARG A 85 15.06 -14.19 -0.34
CA ARG A 85 13.86 -14.99 -0.61
C ARG A 85 14.19 -16.49 -0.65
N PRO A 86 13.27 -17.32 -0.17
CA PRO A 86 13.43 -18.76 -0.32
C PRO A 86 13.67 -19.16 -1.77
N LYS A 87 14.65 -20.03 -2.01
CA LYS A 87 14.98 -20.46 -3.36
C LYS A 87 13.80 -21.23 -3.96
N ASP A 88 13.41 -22.32 -3.30
CA ASP A 88 12.23 -23.09 -3.73
C ASP A 88 11.43 -23.75 -2.59
N ASP A 89 11.69 -23.36 -1.35
CA ASP A 89 10.90 -23.85 -0.21
C ASP A 89 10.97 -22.87 0.97
N ARG A 90 9.80 -22.56 1.53
CA ARG A 90 9.68 -21.67 2.68
C ARG A 90 10.48 -22.16 3.89
N SER A 91 10.68 -23.48 3.97
CA SER A 91 11.44 -24.09 5.07
C SER A 91 12.92 -23.72 5.13
N GLU A 92 13.46 -23.18 4.05
CA GLU A 92 14.85 -22.72 4.02
C GLU A 92 15.14 -21.64 5.07
N LEU A 93 14.09 -20.95 5.53
CA LEU A 93 14.22 -19.89 6.52
C LEU A 93 14.04 -20.39 7.95
N LEU A 94 13.80 -21.69 8.11
CA LEU A 94 13.40 -22.26 9.40
C LEU A 94 14.30 -21.92 10.59
N PHE A 95 15.60 -22.14 10.42
CA PHE A 95 16.54 -22.03 11.54
C PHE A 95 16.72 -20.57 11.97
N GLY A 96 16.91 -19.70 10.99
CA GLY A 96 17.10 -18.27 11.27
C GLY A 96 15.87 -17.63 11.89
N ASN A 97 14.72 -17.82 11.24
CA ASN A 97 13.49 -17.19 11.71
C ASN A 97 13.01 -17.71 13.07
N ALA A 98 13.30 -18.97 13.36
CA ALA A 98 13.04 -19.51 14.70
C ALA A 98 13.73 -18.66 15.78
N ARG A 99 14.99 -18.30 15.54
CA ARG A 99 15.77 -17.50 16.50
C ARG A 99 15.20 -16.09 16.63
N ILE A 100 14.78 -15.51 15.52
CA ILE A 100 14.14 -14.20 15.53
C ILE A 100 12.91 -14.23 16.43
N LEU A 101 12.06 -15.23 16.26
CA LEU A 101 10.84 -15.35 17.06
C LEU A 101 11.09 -15.57 18.55
N ASP A 102 12.24 -16.17 18.90
CA ASP A 102 12.65 -16.26 20.31
C ASP A 102 12.75 -14.85 20.88
N SER A 103 13.39 -13.96 20.14
CA SER A 103 13.55 -12.57 20.57
C SER A 103 12.20 -11.87 20.65
N VAL A 104 11.42 -11.97 19.57
CA VAL A 104 10.08 -11.36 19.51
C VAL A 104 9.20 -11.87 20.67
N ALA A 105 9.28 -13.16 20.95
CA ALA A 105 8.52 -13.76 22.06
C ALA A 105 8.83 -13.09 23.41
N GLU A 106 10.09 -12.73 23.64
CA GLU A 106 10.48 -12.08 24.89
C GLU A 106 9.94 -10.67 25.01
N GLY A 107 9.94 -9.94 23.89
CA GLY A 107 9.40 -8.59 23.86
C GLY A 107 7.89 -8.56 24.11
N VAL A 108 7.19 -9.50 23.49
CA VAL A 108 5.73 -9.60 23.61
C VAL A 108 5.35 -10.05 25.02
N LYS A 109 6.01 -11.09 25.50
CA LYS A 109 5.76 -11.61 26.85
C LYS A 109 5.98 -10.54 27.93
N LYS A 110 6.96 -9.67 27.68
CA LYS A 110 7.25 -8.58 28.62
C LYS A 110 6.30 -7.40 28.48
N TYR A 111 6.09 -6.92 27.26
CA TYR A 111 5.41 -5.63 27.06
C TYR A 111 3.93 -5.70 26.68
N CYS A 112 3.46 -6.82 26.14
CA CYS A 112 2.04 -6.97 25.81
C CYS A 112 1.64 -8.45 25.76
N PRO A 113 1.65 -9.12 26.92
CA PRO A 113 1.34 -10.54 26.99
C PRO A 113 -0.13 -10.87 26.70
N ASN A 114 -1.02 -9.88 26.80
CA ASN A 114 -2.44 -10.05 26.51
C ASN A 114 -2.83 -9.73 25.06
N ALA A 115 -1.83 -9.49 24.21
CA ALA A 115 -2.08 -9.18 22.80
C ALA A 115 -2.50 -10.41 21.99
N PHE A 116 -3.26 -10.18 20.93
CA PHE A 116 -3.57 -11.20 19.95
C PHE A 116 -2.42 -11.22 18.97
N VAL A 117 -1.73 -12.35 18.86
CA VAL A 117 -0.55 -12.43 18.00
C VAL A 117 -0.90 -13.12 16.69
N ILE A 118 -0.63 -12.41 15.58
CA ILE A 118 -0.78 -12.96 14.24
C ILE A 118 0.59 -13.10 13.61
N CYS A 119 1.04 -14.33 13.41
CA CYS A 119 2.34 -14.59 12.81
C CYS A 119 2.23 -14.69 11.29
N ILE A 120 3.24 -14.16 10.60
CA ILE A 120 3.33 -14.21 9.14
C ILE A 120 4.65 -14.86 8.69
N THR A 121 5.73 -14.55 9.41
CA THR A 121 7.05 -15.16 9.19
C THR A 121 6.98 -16.63 8.79
N ASN A 122 7.68 -16.99 7.72
CA ASN A 122 7.77 -18.38 7.27
C ASN A 122 8.93 -19.13 7.93
N PRO A 123 8.88 -20.47 7.96
CA PRO A 123 7.78 -21.33 7.50
C PRO A 123 6.59 -21.24 8.44
N LEU A 124 5.50 -20.68 7.94
CA LEU A 124 4.39 -20.16 8.76
C LEU A 124 3.95 -21.05 9.91
N ASP A 125 3.49 -22.26 9.60
CA ASP A 125 2.84 -23.10 10.61
C ASP A 125 3.78 -23.50 11.75
N VAL A 126 5.02 -23.83 11.39
CA VAL A 126 6.03 -24.20 12.38
C VAL A 126 6.47 -22.97 13.21
N MET A 127 6.57 -21.82 12.55
CA MET A 127 6.90 -20.57 13.25
C MET A 127 5.83 -20.18 14.27
N VAL A 128 4.57 -20.41 13.94
CA VAL A 128 3.46 -20.11 14.87
C VAL A 128 3.56 -20.99 16.12
N SER A 129 3.74 -22.29 15.89
CA SER A 129 3.87 -23.27 16.97
C SER A 129 5.08 -22.94 17.86
N HIS A 130 6.20 -22.63 17.22
CA HIS A 130 7.42 -22.25 17.93
C HIS A 130 7.20 -21.00 18.79
N PHE A 131 6.47 -20.02 18.26
CA PHE A 131 6.22 -18.79 18.99
C PHE A 131 5.36 -19.02 20.22
N GLN A 132 4.28 -19.80 20.07
CA GLN A 132 3.39 -20.10 21.18
C GLN A 132 4.14 -20.84 22.29
N LYS A 133 4.99 -21.77 21.87
CA LYS A 133 5.79 -22.56 22.80
C LYS A 133 6.72 -21.66 23.62
N VAL A 134 7.49 -20.83 22.94
CA VAL A 134 8.52 -19.99 23.60
C VAL A 134 7.90 -18.83 24.38
N SER A 135 6.86 -18.21 23.82
CA SER A 135 6.19 -17.08 24.48
C SER A 135 5.33 -17.52 25.66
N GLY A 136 4.76 -18.72 25.58
CA GLY A 136 3.83 -19.21 26.60
C GLY A 136 2.45 -18.57 26.55
N LEU A 137 2.16 -17.83 25.49
CA LEU A 137 0.84 -17.18 25.35
C LEU A 137 -0.22 -18.24 25.06
N PRO A 138 -1.48 -17.99 25.50
CA PRO A 138 -2.55 -18.97 25.27
C PRO A 138 -2.71 -19.31 23.78
N HIS A 139 -3.06 -20.56 23.50
CA HIS A 139 -3.19 -21.05 22.13
C HIS A 139 -4.19 -20.22 21.31
N ASN A 140 -5.29 -19.85 21.94
CA ASN A 140 -6.33 -19.06 21.28
C ASN A 140 -5.92 -17.61 20.97
N LYS A 141 -4.81 -17.16 21.55
CA LYS A 141 -4.32 -15.80 21.35
C LYS A 141 -3.10 -15.75 20.43
N VAL A 142 -2.73 -16.90 19.85
CA VAL A 142 -1.63 -17.00 18.89
C VAL A 142 -2.07 -17.82 17.69
N CYS A 143 -1.95 -17.23 16.51
CA CYS A 143 -2.26 -17.91 15.25
C CYS A 143 -1.38 -17.39 14.12
N GLY A 144 -1.48 -18.03 12.96
CA GLY A 144 -0.70 -17.63 11.79
C GLY A 144 -1.56 -17.24 10.61
N MET A 145 -1.21 -16.13 9.96
CA MET A 145 -1.85 -15.76 8.71
C MET A 145 -1.31 -16.64 7.60
N ALA A 146 -2.22 -17.34 6.92
CA ALA A 146 -1.86 -18.15 5.76
C ALA A 146 -3.11 -18.49 4.94
N GLY A 147 -4.10 -19.08 5.60
CA GLY A 147 -5.33 -19.52 4.95
C GLY A 147 -6.09 -18.42 4.20
N VAL A 148 -6.09 -17.22 4.76
CA VAL A 148 -6.73 -16.08 4.09
C VAL A 148 -6.05 -15.77 2.76
N LEU A 149 -4.71 -15.85 2.73
CA LEU A 149 -3.96 -15.64 1.49
C LEU A 149 -4.17 -16.77 0.50
N ASP A 150 -4.03 -18.01 0.98
CA ASP A 150 -4.17 -19.19 0.13
C ASP A 150 -5.60 -19.31 -0.42
N SER A 151 -6.59 -19.11 0.45
CA SER A 151 -7.98 -19.19 0.03
C SER A 151 -8.35 -18.05 -0.91
N SER A 152 -7.82 -16.85 -0.64
CA SER A 152 -8.09 -15.70 -1.52
C SER A 152 -7.59 -15.97 -2.92
N ARG A 153 -6.40 -16.57 -3.01
CA ARG A 153 -5.84 -16.97 -4.30
C ARG A 153 -6.72 -18.04 -4.96
N PHE A 154 -7.10 -19.04 -4.17
CA PHE A 154 -7.99 -20.11 -4.62
C PHE A 154 -9.29 -19.52 -5.16
N ARG A 155 -9.92 -18.66 -4.37
CA ARG A 155 -11.17 -17.99 -4.78
C ARG A 155 -11.00 -17.16 -6.05
N THR A 156 -9.90 -16.43 -6.12
CA THR A 156 -9.62 -15.53 -7.23
C THR A 156 -9.45 -16.27 -8.56
N PHE A 157 -8.71 -17.37 -8.53
CA PHE A 157 -8.47 -18.17 -9.73
C PHE A 157 -9.76 -18.80 -10.23
N ILE A 158 -10.60 -19.27 -9.31
CA ILE A 158 -11.92 -19.79 -9.65
C ILE A 158 -12.76 -18.66 -10.26
N ALA A 159 -12.74 -17.50 -9.62
CA ALA A 159 -13.49 -16.34 -10.09
C ALA A 159 -13.05 -15.87 -11.47
N GLN A 160 -11.75 -15.91 -11.72
CA GLN A 160 -11.19 -15.50 -13.01
C GLN A 160 -11.52 -16.46 -14.14
N HIS A 161 -11.76 -17.73 -13.80
CA HIS A 161 -12.20 -18.70 -14.79
C HIS A 161 -13.64 -18.40 -15.22
N PHE A 162 -14.53 -18.31 -14.25
CA PHE A 162 -15.96 -18.07 -14.53
C PHE A 162 -16.30 -16.63 -14.90
N GLY A 163 -15.37 -15.70 -14.65
CA GLY A 163 -15.62 -14.28 -14.90
C GLY A 163 -16.65 -13.69 -13.95
N VAL A 164 -16.56 -14.05 -12.67
CA VAL A 164 -17.49 -13.56 -11.66
C VAL A 164 -16.78 -12.85 -10.52
N ASN A 165 -17.55 -12.09 -9.75
CA ASN A 165 -17.07 -11.43 -8.55
C ASN A 165 -16.52 -12.45 -7.56
N ALA A 166 -15.22 -12.34 -7.24
CA ALA A 166 -14.55 -13.30 -6.38
C ALA A 166 -15.11 -13.36 -4.96
N SER A 167 -15.75 -12.28 -4.52
CA SER A 167 -16.44 -12.27 -3.22
C SER A 167 -17.60 -13.26 -3.17
N ASP A 168 -18.15 -13.60 -4.34
CA ASP A 168 -19.27 -14.55 -4.43
C ASP A 168 -18.82 -15.99 -4.60
N VAL A 169 -17.50 -16.22 -4.57
CA VAL A 169 -16.97 -17.57 -4.55
C VAL A 169 -16.61 -17.95 -3.12
N SER A 170 -17.19 -19.05 -2.64
CA SER A 170 -16.82 -19.63 -1.36
C SER A 170 -15.84 -20.76 -1.62
N ALA A 171 -14.64 -20.65 -1.04
CA ALA A 171 -13.59 -21.66 -1.26
C ALA A 171 -12.52 -21.57 -0.17
N ASN A 172 -12.16 -22.71 0.38
CA ASN A 172 -11.18 -22.79 1.47
C ASN A 172 -9.91 -23.53 1.07
N VAL A 173 -8.78 -23.10 1.63
CA VAL A 173 -7.55 -23.87 1.62
C VAL A 173 -7.22 -24.17 3.08
N ILE A 174 -6.88 -25.43 3.36
CA ILE A 174 -6.57 -25.88 4.73
C ILE A 174 -5.23 -26.60 4.76
N GLY A 175 -4.78 -26.97 5.96
CA GLY A 175 -3.48 -27.62 6.12
C GLY A 175 -2.37 -26.59 6.19
N GLY A 176 -1.13 -27.07 6.07
CA GLY A 176 0.05 -26.22 6.23
C GLY A 176 0.28 -25.30 5.05
N HIS A 177 0.87 -24.14 5.32
CA HIS A 177 1.18 -23.16 4.28
C HIS A 177 2.44 -23.61 3.55
N GLY A 178 2.30 -24.61 2.69
CA GLY A 178 3.40 -25.16 1.91
C GLY A 178 2.88 -25.84 0.66
N ASP A 179 3.71 -26.65 0.02
CA ASP A 179 3.28 -27.42 -1.15
C ASP A 179 2.12 -28.36 -0.81
N GLY A 180 2.06 -28.81 0.44
CA GLY A 180 1.01 -29.72 0.88
C GLY A 180 -0.35 -29.10 1.20
N MET A 181 -0.48 -27.78 1.06
CA MET A 181 -1.77 -27.12 1.34
C MET A 181 -2.89 -27.75 0.49
N VAL A 182 -4.09 -27.80 1.06
CA VAL A 182 -5.21 -28.49 0.44
C VAL A 182 -6.34 -27.53 0.07
N PRO A 183 -6.41 -27.11 -1.21
CA PRO A 183 -7.58 -26.41 -1.68
C PRO A 183 -8.74 -27.39 -1.83
N ALA A 184 -9.69 -27.32 -0.91
CA ALA A 184 -10.79 -28.28 -0.85
C ALA A 184 -11.84 -27.98 -1.92
N THR A 185 -11.66 -28.55 -3.10
CA THR A 185 -12.60 -28.37 -4.21
C THR A 185 -14.02 -28.82 -3.86
N SER A 186 -14.15 -29.83 -3.01
CA SER A 186 -15.47 -30.41 -2.69
C SER A 186 -16.44 -29.42 -2.04
N SER A 187 -15.93 -28.41 -1.33
CA SER A 187 -16.78 -27.41 -0.69
C SER A 187 -16.76 -26.04 -1.40
N VAL A 188 -16.22 -26.00 -2.62
CA VAL A 188 -16.26 -24.78 -3.41
C VAL A 188 -17.67 -24.53 -3.93
N SER A 189 -18.13 -23.28 -3.85
CA SER A 189 -19.38 -22.89 -4.51
C SER A 189 -19.27 -21.48 -5.10
N VAL A 190 -20.04 -21.24 -6.16
CA VAL A 190 -20.13 -19.93 -6.80
C VAL A 190 -21.58 -19.47 -6.69
N GLY A 191 -21.84 -18.59 -5.74
CA GLY A 191 -23.18 -18.13 -5.45
C GLY A 191 -24.14 -19.23 -5.04
N GLY A 192 -23.62 -20.27 -4.40
CA GLY A 192 -24.42 -21.42 -3.97
C GLY A 192 -24.31 -22.64 -4.89
N VAL A 193 -23.84 -22.43 -6.12
CA VAL A 193 -23.71 -23.51 -7.10
C VAL A 193 -22.37 -24.25 -6.90
N PRO A 194 -22.41 -25.56 -6.65
CA PRO A 194 -21.18 -26.33 -6.46
C PRO A 194 -20.48 -26.61 -7.78
N LEU A 195 -19.21 -27.00 -7.72
CA LEU A 195 -18.42 -27.22 -8.93
C LEU A 195 -18.95 -28.39 -9.77
N SER A 196 -19.50 -29.40 -9.10
CA SER A 196 -20.11 -30.55 -9.80
C SER A 196 -21.13 -30.13 -10.84
N SER A 197 -21.95 -29.13 -10.53
CA SER A 197 -22.97 -28.62 -11.46
C SER A 197 -22.33 -27.93 -12.66
N PHE A 198 -21.29 -27.13 -12.42
CA PHE A 198 -20.59 -26.44 -13.51
C PHE A 198 -19.91 -27.42 -14.45
N ILE A 199 -19.45 -28.55 -13.91
CA ILE A 199 -18.87 -29.62 -14.71
C ILE A 199 -19.93 -30.20 -15.64
N LYS A 200 -21.08 -30.54 -15.08
CA LYS A 200 -22.22 -31.05 -15.86
C LYS A 200 -22.67 -30.08 -16.95
N GLN A 201 -22.65 -28.79 -16.64
CA GLN A 201 -23.06 -27.75 -17.59
C GLN A 201 -22.00 -27.47 -18.65
N GLY A 202 -20.82 -28.07 -18.50
CA GLY A 202 -19.74 -27.87 -19.46
C GLY A 202 -19.02 -26.54 -19.31
N LEU A 203 -19.20 -25.89 -18.16
CA LEU A 203 -18.63 -24.54 -17.94
C LEU A 203 -17.25 -24.57 -17.26
N ILE A 204 -16.92 -25.69 -16.62
CA ILE A 204 -15.55 -25.95 -16.15
C ILE A 204 -15.26 -27.45 -16.24
N THR A 205 -14.00 -27.80 -16.48
CA THR A 205 -13.58 -29.21 -16.51
C THR A 205 -12.78 -29.55 -15.25
N GLN A 206 -12.70 -30.84 -14.95
CA GLN A 206 -11.96 -31.31 -13.79
C GLN A 206 -10.46 -31.00 -13.92
N GLU A 207 -9.95 -31.01 -15.15
CA GLU A 207 -8.56 -30.61 -15.42
C GLU A 207 -8.34 -29.12 -15.13
N GLN A 208 -9.32 -28.29 -15.47
CA GLN A 208 -9.26 -26.87 -15.15
C GLN A 208 -9.30 -26.64 -13.64
N ILE A 209 -10.12 -27.44 -12.94
CA ILE A 209 -10.15 -27.41 -11.49
C ILE A 209 -8.79 -27.83 -10.92
N ASP A 210 -8.19 -28.85 -11.54
CA ASP A 210 -6.87 -29.34 -11.13
C ASP A 210 -5.76 -28.32 -11.38
N GLU A 211 -5.85 -27.62 -12.51
CA GLU A 211 -4.92 -26.54 -12.81
C GLU A 211 -5.04 -25.43 -11.75
N ILE A 212 -6.27 -25.12 -11.35
CA ILE A 212 -6.53 -24.08 -10.35
C ILE A 212 -5.99 -24.49 -8.97
N VAL A 213 -6.14 -25.76 -8.61
CA VAL A 213 -5.61 -26.30 -7.37
C VAL A 213 -4.09 -26.20 -7.36
N CYS A 214 -3.46 -26.61 -8.46
CA CYS A 214 -2.00 -26.53 -8.61
C CYS A 214 -1.52 -25.08 -8.55
N HIS A 215 -2.19 -24.22 -9.30
CA HIS A 215 -1.87 -22.79 -9.35
C HIS A 215 -1.92 -22.16 -7.96
N THR A 216 -2.95 -22.49 -7.20
CA THR A 216 -3.06 -22.06 -5.81
C THR A 216 -1.85 -22.48 -4.99
N ARG A 217 -1.45 -23.74 -5.15
CA ARG A 217 -0.35 -24.32 -4.37
C ARG A 217 1.01 -23.68 -4.67
N ILE A 218 1.24 -23.33 -5.94
CA ILE A 218 2.52 -22.80 -6.39
C ILE A 218 2.49 -21.28 -6.61
N ALA A 219 1.42 -20.63 -6.19
CA ALA A 219 1.20 -19.21 -6.44
C ALA A 219 2.35 -18.33 -5.94
N TRP A 220 2.98 -18.72 -4.82
CA TRP A 220 4.04 -17.91 -4.23
C TRP A 220 5.24 -17.76 -5.15
N LYS A 221 5.55 -18.84 -5.88
CA LYS A 221 6.66 -18.83 -6.84
C LYS A 221 6.36 -17.96 -8.05
N GLU A 222 5.11 -18.00 -8.53
CA GLU A 222 4.70 -17.18 -9.67
C GLU A 222 4.92 -15.70 -9.39
N VAL A 223 4.51 -15.26 -8.20
CA VAL A 223 4.68 -13.87 -7.78
C VAL A 223 6.17 -13.56 -7.61
N ALA A 224 6.88 -14.40 -6.86
CA ALA A 224 8.30 -14.21 -6.59
C ALA A 224 9.15 -14.12 -7.85
N ASP A 225 8.89 -15.01 -8.81
CA ASP A 225 9.66 -15.06 -10.06
C ASP A 225 9.49 -13.79 -10.89
N ASN A 226 8.35 -13.12 -10.72
CA ASN A 226 8.10 -11.86 -11.42
C ASN A 226 8.65 -10.64 -10.69
N LEU A 227 8.54 -10.64 -9.36
CA LEU A 227 9.08 -9.54 -8.55
C LEU A 227 10.62 -9.53 -8.53
N LYS A 228 11.22 -10.71 -8.62
CA LYS A 228 12.67 -10.89 -8.70
C LYS A 228 13.40 -10.77 -7.35
N THR A 229 13.27 -9.63 -6.68
CA THR A 229 14.05 -9.36 -5.45
C THR A 229 13.32 -9.70 -4.14
N GLY A 230 12.15 -10.32 -4.22
CA GLY A 230 11.42 -10.71 -3.01
C GLY A 230 10.20 -11.58 -3.28
N THR A 231 9.38 -11.77 -2.25
CA THR A 231 8.16 -12.57 -2.34
C THR A 231 6.92 -11.66 -2.20
N ALA A 232 5.72 -12.25 -2.30
CA ALA A 232 4.46 -11.50 -2.26
C ALA A 232 4.34 -10.67 -1.00
N TYR A 233 3.76 -9.49 -1.10
CA TYR A 233 3.62 -8.62 0.06
C TYR A 233 2.37 -7.75 0.12
N PHE A 234 1.76 -7.44 -1.02
CA PHE A 234 0.50 -6.68 -1.03
C PHE A 234 -0.64 -7.48 -0.42
N ALA A 235 -0.87 -8.69 -0.93
CA ALA A 235 -1.96 -9.54 -0.44
C ALA A 235 -1.72 -10.09 0.97
N PRO A 236 -0.49 -10.54 1.27
CA PRO A 236 -0.23 -10.99 2.64
C PRO A 236 -0.49 -9.92 3.71
N ALA A 237 -0.22 -8.66 3.37
CA ALA A 237 -0.46 -7.56 4.30
C ALA A 237 -1.96 -7.37 4.48
N ALA A 238 -2.69 -7.36 3.37
CA ALA A 238 -4.15 -7.21 3.40
C ALA A 238 -4.79 -8.32 4.23
N ALA A 239 -4.32 -9.55 4.05
CA ALA A 239 -4.83 -10.70 4.81
C ALA A 239 -4.66 -10.54 6.32
N ALA A 240 -3.49 -10.07 6.73
CA ALA A 240 -3.22 -9.84 8.15
C ALA A 240 -4.14 -8.77 8.74
N VAL A 241 -4.40 -7.73 7.96
CA VAL A 241 -5.32 -6.67 8.38
C VAL A 241 -6.75 -7.21 8.55
N LYS A 242 -7.18 -8.10 7.65
CA LYS A 242 -8.51 -8.70 7.78
C LYS A 242 -8.62 -9.49 9.08
N MET A 243 -7.57 -10.22 9.43
CA MET A 243 -7.53 -10.97 10.67
C MET A 243 -7.56 -10.04 11.88
N ALA A 244 -6.79 -8.95 11.81
CA ALA A 244 -6.78 -7.93 12.86
C ALA A 244 -8.16 -7.29 13.06
N GLU A 245 -8.84 -7.00 11.94
CA GLU A 245 -10.22 -6.51 11.97
C GLU A 245 -11.13 -7.46 12.72
N ALA A 246 -11.04 -8.74 12.40
CA ALA A 246 -11.91 -9.75 13.01
C ALA A 246 -11.81 -9.75 14.53
N TYR A 247 -10.59 -9.60 15.04
CA TYR A 247 -10.33 -9.53 16.47
C TYR A 247 -10.83 -8.21 17.08
N LEU A 248 -10.38 -7.10 16.50
CA LEU A 248 -10.64 -5.77 17.07
C LEU A 248 -12.11 -5.39 17.02
N LYS A 249 -12.81 -5.84 15.99
CA LYS A 249 -14.25 -5.56 15.86
C LYS A 249 -15.11 -6.74 16.32
N ASP A 250 -14.49 -7.80 16.85
CA ASP A 250 -15.21 -8.94 17.43
C ASP A 250 -16.23 -9.47 16.42
N LYS A 251 -15.76 -9.73 15.20
CA LYS A 251 -16.64 -10.05 14.08
C LYS A 251 -17.31 -11.44 14.17
N LYS A 252 -16.67 -12.37 14.88
CA LYS A 252 -17.00 -13.81 14.75
C LYS A 252 -16.90 -14.22 13.29
N ALA A 253 -15.83 -13.78 12.64
CA ALA A 253 -15.63 -14.04 11.21
C ALA A 253 -15.03 -15.41 11.00
N VAL A 254 -15.38 -16.03 9.89
CA VAL A 254 -14.81 -17.31 9.49
C VAL A 254 -13.49 -17.03 8.80
N VAL A 255 -12.40 -17.41 9.48
CA VAL A 255 -11.06 -17.09 9.02
C VAL A 255 -10.24 -18.36 8.93
N PRO A 256 -9.93 -18.81 7.70
CA PRO A 256 -8.95 -19.89 7.59
C PRO A 256 -7.57 -19.37 8.00
N CYS A 257 -6.99 -19.97 9.03
CA CYS A 257 -5.68 -19.57 9.53
C CYS A 257 -5.02 -20.71 10.30
N SER A 258 -3.73 -20.56 10.59
CA SER A 258 -2.99 -21.57 11.33
C SER A 258 -3.31 -21.45 12.82
N ALA A 259 -4.13 -22.36 13.32
CA ALA A 259 -4.61 -22.34 14.69
C ALA A 259 -4.38 -23.70 15.35
N PHE A 260 -4.35 -23.72 16.68
CA PHE A 260 -4.10 -24.96 17.41
C PHE A 260 -5.33 -25.87 17.37
N CYS A 261 -5.26 -26.87 16.49
CA CYS A 261 -6.37 -27.80 16.28
C CYS A 261 -6.15 -29.06 17.12
N SER A 262 -7.05 -29.33 18.06
CA SER A 262 -6.89 -30.48 18.96
C SER A 262 -8.04 -31.48 18.93
N ASN A 263 -9.26 -31.05 18.60
CA ASN A 263 -10.41 -31.96 18.59
C ASN A 263 -11.17 -31.96 17.27
N HIS A 264 -10.45 -31.72 16.17
CA HIS A 264 -11.04 -31.69 14.83
C HIS A 264 -10.07 -32.25 13.81
N TYR A 265 -10.59 -32.63 12.64
CA TYR A 265 -9.77 -33.11 11.53
C TYR A 265 -8.83 -34.27 11.89
N GLY A 266 -9.21 -35.05 12.91
CA GLY A 266 -8.43 -36.21 13.35
C GLY A 266 -7.01 -35.90 13.83
N VAL A 267 -6.80 -34.72 14.40
CA VAL A 267 -5.51 -34.37 15.01
C VAL A 267 -5.71 -34.04 16.47
N LYS A 268 -4.69 -34.25 17.28
CA LYS A 268 -4.81 -34.16 18.75
C LYS A 268 -3.98 -33.03 19.36
N GLY A 269 -3.66 -32.01 18.56
CA GLY A 269 -2.94 -30.83 19.05
C GLY A 269 -1.81 -30.43 18.14
N ILE A 270 -2.13 -29.60 17.15
CA ILE A 270 -1.13 -29.12 16.19
C ILE A 270 -1.58 -27.82 15.54
N TYR A 271 -0.63 -26.94 15.25
CA TYR A 271 -0.93 -25.72 14.50
C TYR A 271 -0.97 -26.04 13.02
N MET A 272 -2.12 -25.81 12.40
CA MET A 272 -2.26 -25.96 10.95
C MET A 272 -3.44 -25.14 10.45
N GLY A 273 -3.49 -24.94 9.13
CA GLY A 273 -4.56 -24.17 8.51
C GLY A 273 -5.91 -24.84 8.63
N VAL A 274 -6.84 -24.15 9.29
CA VAL A 274 -8.22 -24.60 9.45
C VAL A 274 -9.17 -23.39 9.47
N PRO A 275 -10.45 -23.61 9.15
CA PRO A 275 -11.41 -22.51 9.27
C PRO A 275 -11.73 -22.23 10.73
N THR A 276 -11.53 -20.99 11.15
CA THR A 276 -11.74 -20.61 12.54
C THR A 276 -12.81 -19.53 12.64
N ILE A 277 -13.33 -19.37 13.86
CA ILE A 277 -14.11 -18.20 14.20
C ILE A 277 -13.17 -17.29 14.98
N ILE A 278 -13.00 -16.06 14.53
CA ILE A 278 -12.18 -15.07 15.22
C ILE A 278 -13.02 -13.91 15.75
N GLY A 279 -12.85 -13.61 17.04
CA GLY A 279 -13.51 -12.48 17.68
C GLY A 279 -12.63 -11.91 18.78
N LYS A 280 -13.27 -11.28 19.77
CA LYS A 280 -12.54 -10.57 20.83
C LYS A 280 -11.70 -11.48 21.74
N ASN A 281 -11.98 -12.79 21.74
CA ASN A 281 -11.16 -13.74 22.48
C ASN A 281 -10.29 -14.59 21.55
N GLY A 282 -9.83 -13.99 20.46
CA GLY A 282 -8.91 -14.65 19.54
C GLY A 282 -9.59 -15.71 18.69
N VAL A 283 -8.93 -16.85 18.55
CA VAL A 283 -9.51 -18.00 17.86
C VAL A 283 -10.53 -18.63 18.82
N GLU A 284 -11.81 -18.41 18.56
CA GLU A 284 -12.87 -18.80 19.49
C GLU A 284 -13.46 -20.17 19.17
N ASP A 285 -13.26 -20.66 17.95
CA ASP A 285 -13.78 -21.97 17.54
C ASP A 285 -13.13 -22.42 16.23
N ILE A 286 -13.28 -23.71 15.92
CA ILE A 286 -12.84 -24.26 14.64
C ILE A 286 -14.00 -25.00 13.99
N LEU A 287 -14.19 -24.76 12.69
CA LEU A 287 -15.25 -25.40 11.93
C LEU A 287 -14.70 -26.63 11.22
N GLU A 288 -15.54 -27.65 11.09
CA GLU A 288 -15.14 -28.90 10.45
C GLU A 288 -15.80 -29.04 9.09
N LEU A 289 -15.00 -28.95 8.04
CA LEU A 289 -15.47 -29.11 6.68
C LEU A 289 -15.77 -30.58 6.40
N ASP A 290 -16.66 -30.81 5.45
CA ASP A 290 -16.90 -32.16 4.94
C ASP A 290 -15.89 -32.44 3.84
N LEU A 291 -14.83 -33.18 4.18
CA LEU A 291 -13.80 -33.52 3.21
C LEU A 291 -14.07 -34.88 2.60
N THR A 292 -13.67 -35.06 1.35
CA THR A 292 -13.70 -36.37 0.71
C THR A 292 -12.53 -37.20 1.23
N PRO A 293 -12.63 -38.55 1.11
CA PRO A 293 -11.51 -39.40 1.53
C PRO A 293 -10.18 -38.98 0.90
N LEU A 294 -10.19 -38.57 -0.37
CA LEU A 294 -9.00 -38.06 -1.03
C LEU A 294 -8.47 -36.80 -0.34
N GLU A 295 -9.39 -35.90 0.04
CA GLU A 295 -9.02 -34.65 0.70
C GLU A 295 -8.53 -34.89 2.13
N GLN A 296 -9.13 -35.86 2.81
CA GLN A 296 -8.68 -36.28 4.14
C GLN A 296 -7.28 -36.86 4.09
N LYS A 297 -6.96 -37.54 2.98
CA LYS A 297 -5.64 -38.12 2.79
C LYS A 297 -4.63 -37.00 2.51
N LEU A 298 -4.97 -36.12 1.57
CA LEU A 298 -4.12 -34.96 1.26
C LEU A 298 -3.84 -34.12 2.51
N LEU A 299 -4.85 -33.96 3.37
CA LEU A 299 -4.67 -33.26 4.63
C LEU A 299 -3.68 -34.01 5.52
N GLY A 300 -3.83 -35.34 5.58
CA GLY A 300 -2.89 -36.18 6.31
C GLY A 300 -1.46 -36.01 5.86
N GLU A 301 -1.26 -35.89 4.55
CA GLU A 301 0.07 -35.65 3.98
C GLU A 301 0.61 -34.28 4.35
N SER A 302 -0.28 -33.28 4.39
CA SER A 302 0.08 -31.93 4.82
C SER A 302 0.50 -31.94 6.29
N ILE A 303 -0.27 -32.66 7.11
CA ILE A 303 0.04 -32.83 8.53
C ILE A 303 1.43 -33.43 8.72
N ASN A 304 1.76 -34.45 7.93
CA ASN A 304 3.07 -35.08 7.97
C ASN A 304 4.18 -34.11 7.57
N GLU A 305 3.89 -33.25 6.60
CA GLU A 305 4.82 -32.24 6.13
C GLU A 305 5.14 -31.24 7.25
N VAL A 306 4.12 -30.83 8.00
CA VAL A 306 4.29 -29.92 9.13
C VAL A 306 5.10 -30.57 10.24
N ASN A 307 4.77 -31.83 10.56
CA ASN A 307 5.50 -32.57 11.59
C ASN A 307 6.97 -32.78 11.23
N THR A 308 7.24 -33.06 9.96
CA THR A 308 8.60 -33.23 9.47
C THR A 308 9.45 -31.98 9.72
N ILE A 309 8.96 -30.83 9.25
CA ILE A 309 9.67 -29.57 9.43
C ILE A 309 9.78 -29.21 10.91
N SER A 310 8.73 -29.55 11.67
CA SER A 310 8.72 -29.32 13.11
C SER A 310 9.80 -30.15 13.83
N LYS A 311 10.01 -31.38 13.38
CA LYS A 311 10.99 -32.26 14.00
C LYS A 311 12.41 -31.82 13.63
N VAL A 312 12.59 -31.32 12.41
CA VAL A 312 13.86 -30.75 11.99
C VAL A 312 14.27 -29.61 12.93
N LEU A 313 13.33 -28.72 13.24
CA LEU A 313 13.58 -27.60 14.13
C LEU A 313 13.99 -28.06 15.54
N ASP A 314 13.37 -29.14 16.01
CA ASP A 314 13.71 -29.72 17.31
C ASP A 314 15.15 -30.25 17.34
N ASN A 315 15.65 -30.65 16.17
CA ASN A 315 17.03 -31.11 16.02
C ASN A 315 17.85 -30.09 15.22
N ALA A 316 17.69 -28.82 15.54
CA ALA A 316 18.43 -27.75 14.89
C ALA A 316 19.80 -27.59 15.55
N PRO A 317 20.77 -26.97 14.84
CA PRO A 317 22.10 -26.69 15.39
C PRO A 317 22.08 -26.02 16.78
N MET B 1 -24.37 3.77 -21.71
CA MET B 1 -23.56 2.53 -21.55
C MET B 1 -22.49 2.72 -20.46
N ILE B 2 -22.46 1.78 -19.53
CA ILE B 2 -21.49 1.80 -18.44
C ILE B 2 -20.22 1.07 -18.87
N GLU B 3 -19.08 1.70 -18.63
CA GLU B 3 -17.77 1.08 -18.76
C GLU B 3 -17.03 1.32 -17.46
N ARG B 4 -16.19 0.37 -17.07
CA ARG B 4 -15.36 0.53 -15.87
C ARG B 4 -14.40 1.68 -16.09
N ARG B 5 -14.15 2.46 -15.04
CA ARG B 5 -13.11 3.50 -15.11
C ARG B 5 -11.77 2.78 -15.22
N LYS B 6 -10.84 3.38 -15.96
CA LYS B 6 -9.56 2.75 -16.23
C LYS B 6 -8.42 3.73 -15.94
N ILE B 7 -7.46 3.28 -15.12
CA ILE B 7 -6.30 4.09 -14.78
C ILE B 7 -5.02 3.36 -15.18
N ALA B 8 -4.19 4.04 -15.97
CA ALA B 8 -2.89 3.51 -16.36
C ALA B 8 -1.82 4.10 -15.45
N VAL B 9 -0.96 3.25 -14.91
CA VAL B 9 0.15 3.68 -14.09
C VAL B 9 1.44 3.38 -14.85
N ILE B 10 2.08 4.42 -15.38
CA ILE B 10 3.29 4.28 -16.19
C ILE B 10 4.53 4.37 -15.31
N GLY B 11 5.15 3.22 -15.05
CA GLY B 11 6.21 3.09 -14.07
C GLY B 11 5.67 2.35 -12.86
N SER B 12 6.15 1.14 -12.63
CA SER B 12 5.60 0.25 -11.59
C SER B 12 6.60 0.02 -10.46
N GLY B 13 7.30 1.08 -10.07
CA GLY B 13 8.23 1.00 -8.95
C GLY B 13 7.51 1.25 -7.64
N GLN B 14 8.17 1.97 -6.74
CA GLN B 14 7.65 2.17 -5.39
C GLN B 14 6.27 2.84 -5.40
N ILE B 15 6.16 3.98 -6.06
CA ILE B 15 4.91 4.75 -6.09
C ILE B 15 3.85 4.05 -6.95
N GLY B 16 4.26 3.58 -8.12
CA GLY B 16 3.36 2.92 -9.04
C GLY B 16 2.56 1.80 -8.39
N GLY B 17 3.26 0.90 -7.73
CA GLY B 17 2.63 -0.25 -7.09
C GLY B 17 1.64 0.15 -6.01
N ASN B 18 2.01 1.14 -5.20
CA ASN B 18 1.11 1.68 -4.19
C ASN B 18 -0.16 2.27 -4.78
N ILE B 19 -0.02 2.97 -5.90
CA ILE B 19 -1.18 3.54 -6.57
C ILE B 19 -2.15 2.42 -6.96
N ALA B 20 -1.64 1.39 -7.64
CA ALA B 20 -2.45 0.25 -8.06
C ALA B 20 -3.16 -0.39 -6.87
N TYR B 21 -2.41 -0.58 -5.78
CA TYR B 21 -2.91 -1.15 -4.53
C TYR B 21 -4.12 -0.37 -4.00
N ILE B 22 -3.94 0.94 -3.87
CA ILE B 22 -4.96 1.80 -3.25
C ILE B 22 -6.16 1.99 -4.17
N VAL B 23 -5.90 2.17 -5.46
CA VAL B 23 -6.96 2.30 -6.46
C VAL B 23 -7.82 1.03 -6.44
N GLY B 24 -7.15 -0.12 -6.42
CA GLY B 24 -7.83 -1.41 -6.37
C GLY B 24 -8.65 -1.58 -5.11
N LYS B 25 -8.03 -1.28 -3.97
CA LYS B 25 -8.70 -1.35 -2.67
C LYS B 25 -9.97 -0.51 -2.62
N ASP B 26 -9.90 0.71 -3.16
CA ASP B 26 -11.03 1.62 -3.17
C ASP B 26 -12.04 1.28 -4.27
N ASN B 27 -11.68 0.34 -5.16
CA ASN B 27 -12.47 0.04 -6.35
C ASN B 27 -12.80 1.32 -7.13
N LEU B 28 -11.80 2.19 -7.23
CA LEU B 28 -11.94 3.44 -7.96
C LEU B 28 -11.95 3.17 -9.46
N ALA B 29 -11.20 2.16 -9.89
CA ALA B 29 -11.04 1.86 -11.31
C ALA B 29 -10.32 0.54 -11.53
N ASP B 30 -10.25 0.11 -12.79
CA ASP B 30 -9.32 -0.94 -13.19
C ASP B 30 -7.95 -0.31 -13.35
N VAL B 31 -6.91 -1.13 -13.26
CA VAL B 31 -5.55 -0.62 -13.32
C VAL B 31 -4.70 -1.40 -14.31
N VAL B 32 -3.97 -0.65 -15.14
CA VAL B 32 -2.93 -1.21 -15.97
C VAL B 32 -1.60 -0.69 -15.45
N LEU B 33 -0.78 -1.60 -14.94
CA LEU B 33 0.58 -1.27 -14.48
C LEU B 33 1.55 -1.49 -15.64
N PHE B 34 2.15 -0.40 -16.11
CA PHE B 34 3.11 -0.44 -17.21
C PHE B 34 4.54 -0.24 -16.69
N ASP B 35 5.47 -1.03 -17.20
CA ASP B 35 6.89 -0.84 -16.91
C ASP B 35 7.74 -1.55 -17.98
N ILE B 36 8.92 -0.99 -18.26
CA ILE B 36 9.84 -1.61 -19.22
C ILE B 36 10.57 -2.80 -18.60
N ALA B 37 10.81 -2.75 -17.29
CA ALA B 37 11.46 -3.85 -16.59
C ALA B 37 10.58 -5.10 -16.62
N GLU B 38 11.15 -6.24 -16.98
CA GLU B 38 10.37 -7.47 -17.13
C GLU B 38 9.98 -8.06 -15.77
N GLY B 39 8.78 -8.62 -15.71
CA GLY B 39 8.28 -9.26 -14.49
C GLY B 39 7.65 -8.30 -13.50
N ILE B 40 8.35 -7.21 -13.19
CA ILE B 40 7.98 -6.32 -12.08
C ILE B 40 6.49 -5.91 -12.07
N PRO B 41 5.99 -5.33 -13.18
CA PRO B 41 4.57 -4.94 -13.19
C PRO B 41 3.60 -6.13 -13.17
N GLN B 42 4.02 -7.27 -13.73
CA GLN B 42 3.21 -8.48 -13.73
C GLN B 42 3.15 -9.08 -12.32
N GLY B 43 4.29 -9.07 -11.62
CA GLY B 43 4.38 -9.59 -10.27
C GLY B 43 3.53 -8.81 -9.29
N LYS B 44 3.62 -7.49 -9.36
CA LYS B 44 2.86 -6.61 -8.48
C LYS B 44 1.36 -6.69 -8.77
N ALA B 45 1.00 -6.75 -10.04
CA ALA B 45 -0.40 -6.86 -10.43
C ALA B 45 -1.03 -8.18 -9.92
N LEU B 46 -0.31 -9.28 -10.04
CA LEU B 46 -0.79 -10.58 -9.56
C LEU B 46 -0.99 -10.57 -8.05
N ASP B 47 0.02 -10.07 -7.33
CA ASP B 47 -0.03 -9.93 -5.88
C ASP B 47 -1.21 -9.06 -5.47
N ILE B 48 -1.33 -7.89 -6.08
CA ILE B 48 -2.41 -6.96 -5.79
C ILE B 48 -3.78 -7.56 -6.15
N THR B 49 -3.84 -8.30 -7.27
CA THR B 49 -5.07 -8.99 -7.66
C THR B 49 -5.55 -9.95 -6.57
N HIS B 50 -4.64 -10.64 -5.90
CA HIS B 50 -5.02 -11.56 -4.83
C HIS B 50 -5.64 -10.84 -3.63
N SER B 51 -5.32 -9.56 -3.46
CA SER B 51 -5.84 -8.76 -2.36
C SER B 51 -7.24 -8.20 -2.65
N MET B 52 -7.64 -8.20 -3.92
CA MET B 52 -8.90 -7.58 -4.30
C MET B 52 -10.10 -8.23 -3.62
N VAL B 53 -10.14 -9.56 -3.60
CA VAL B 53 -11.23 -10.26 -2.91
C VAL B 53 -11.21 -9.97 -1.39
N MET B 54 -10.02 -9.78 -0.83
CA MET B 54 -9.92 -9.45 0.60
C MET B 54 -10.55 -8.08 0.90
N PHE B 55 -10.37 -7.12 -0.01
CA PHE B 55 -10.91 -5.78 0.15
C PHE B 55 -12.37 -5.67 -0.29
N GLY B 56 -12.91 -6.73 -0.89
CA GLY B 56 -14.28 -6.69 -1.42
C GLY B 56 -14.37 -5.81 -2.66
N SER B 57 -13.34 -5.88 -3.50
CA SER B 57 -13.27 -5.07 -4.73
C SER B 57 -13.21 -5.97 -5.95
N THR B 58 -13.88 -5.55 -7.02
CA THR B 58 -13.86 -6.28 -8.29
C THR B 58 -12.91 -5.64 -9.32
N SER B 59 -12.10 -4.68 -8.87
CA SER B 59 -11.12 -4.02 -9.74
C SER B 59 -10.16 -5.04 -10.36
N LYS B 60 -9.94 -4.91 -11.66
CA LYS B 60 -8.88 -5.64 -12.36
C LYS B 60 -7.57 -4.88 -12.27
N VAL B 61 -6.48 -5.60 -12.02
CA VAL B 61 -5.15 -5.02 -12.02
C VAL B 61 -4.25 -5.94 -12.84
N ILE B 62 -3.68 -5.41 -13.91
CA ILE B 62 -2.78 -6.18 -14.78
C ILE B 62 -1.45 -5.47 -15.00
N GLY B 63 -0.42 -6.26 -15.28
CA GLY B 63 0.91 -5.75 -15.62
C GLY B 63 1.16 -5.87 -17.11
N THR B 64 2.01 -4.98 -17.64
CA THR B 64 2.32 -5.00 -19.06
C THR B 64 3.57 -4.17 -19.40
N ASN B 65 4.13 -4.45 -20.58
CA ASN B 65 5.20 -3.64 -21.16
C ASN B 65 4.80 -3.08 -22.52
N ASP B 66 3.49 -3.07 -22.80
CA ASP B 66 2.96 -2.72 -24.10
C ASP B 66 1.98 -1.56 -23.98
N TYR B 67 2.32 -0.43 -24.60
CA TYR B 67 1.50 0.78 -24.54
C TYR B 67 0.10 0.61 -25.12
N ALA B 68 -0.08 -0.37 -26.00
CA ALA B 68 -1.42 -0.66 -26.53
C ALA B 68 -2.41 -1.01 -25.41
N ASP B 69 -1.90 -1.57 -24.32
CA ASP B 69 -2.74 -1.94 -23.17
C ASP B 69 -3.28 -0.75 -22.37
N ILE B 70 -2.71 0.44 -22.56
CA ILE B 70 -3.23 1.65 -21.89
C ILE B 70 -4.29 2.37 -22.75
N SER B 71 -4.70 1.73 -23.85
CA SER B 71 -5.75 2.23 -24.72
C SER B 71 -7.04 2.47 -23.95
N GLY B 72 -7.66 3.63 -24.16
CA GLY B 72 -8.92 3.95 -23.50
C GLY B 72 -8.82 4.32 -22.03
N SER B 73 -7.59 4.52 -21.53
CA SER B 73 -7.39 4.92 -20.14
C SER B 73 -8.03 6.28 -19.90
N ASP B 74 -8.78 6.40 -18.80
CA ASP B 74 -9.39 7.68 -18.43
C ASP B 74 -8.35 8.60 -17.80
N VAL B 75 -7.51 8.02 -16.94
CA VAL B 75 -6.44 8.75 -16.28
C VAL B 75 -5.14 7.99 -16.52
N VAL B 76 -4.05 8.75 -16.72
CA VAL B 76 -2.71 8.19 -16.83
C VAL B 76 -1.83 8.85 -15.77
N ILE B 77 -1.17 8.04 -14.95
CA ILE B 77 -0.30 8.55 -13.89
C ILE B 77 1.13 8.09 -14.15
N ILE B 78 2.06 9.04 -14.25
CA ILE B 78 3.42 8.76 -14.71
C ILE B 78 4.41 8.84 -13.56
N THR B 79 4.92 7.67 -13.14
CA THR B 79 5.96 7.58 -12.12
C THR B 79 7.29 7.14 -12.73
N ALA B 80 7.29 6.86 -14.03
CA ALA B 80 8.47 6.35 -14.72
C ALA B 80 9.66 7.27 -14.48
N SER B 81 10.79 6.68 -14.09
CA SER B 81 11.97 7.44 -13.71
C SER B 81 13.23 6.58 -13.73
N ILE B 82 14.38 7.24 -13.86
CA ILE B 82 15.68 6.58 -13.68
C ILE B 82 15.86 6.25 -12.20
N PRO B 83 16.64 5.20 -11.88
CA PRO B 83 16.76 4.77 -10.49
C PRO B 83 17.68 5.67 -9.64
N GLY B 84 17.62 5.47 -8.32
CA GLY B 84 18.50 6.17 -7.38
C GLY B 84 17.93 7.47 -6.87
N ARG B 85 17.93 7.65 -5.56
CA ARG B 85 17.45 8.90 -4.93
C ARG B 85 18.34 10.09 -5.31
N PRO B 86 17.75 11.28 -5.45
CA PRO B 86 18.56 12.50 -5.59
C PRO B 86 19.37 12.74 -4.32
N LYS B 87 20.60 13.22 -4.46
CA LYS B 87 21.48 13.40 -3.31
C LYS B 87 20.98 14.53 -2.40
N ASP B 88 20.71 15.69 -3.00
CA ASP B 88 20.07 16.80 -2.27
C ASP B 88 19.33 17.81 -3.18
N ASP B 89 18.93 17.38 -4.37
CA ASP B 89 18.21 18.25 -5.31
C ASP B 89 17.51 17.44 -6.40
N ARG B 90 16.21 17.64 -6.55
CA ARG B 90 15.39 16.88 -7.51
C ARG B 90 15.78 17.12 -8.97
N SER B 91 16.41 18.25 -9.25
CA SER B 91 16.84 18.60 -10.62
C SER B 91 17.90 17.67 -11.20
N GLU B 92 18.61 16.96 -10.33
CA GLU B 92 19.65 16.00 -10.74
C GLU B 92 19.18 14.97 -11.78
N LEU B 93 17.88 14.66 -11.77
CA LEU B 93 17.31 13.65 -12.67
C LEU B 93 16.87 14.20 -14.04
N LEU B 94 17.10 15.51 -14.26
CA LEU B 94 16.51 16.25 -15.38
C LEU B 94 16.53 15.55 -16.75
N PHE B 95 17.72 15.28 -17.27
CA PHE B 95 17.86 14.80 -18.65
C PHE B 95 17.40 13.36 -18.84
N GLY B 96 17.75 12.50 -17.89
CA GLY B 96 17.32 11.10 -17.93
C GLY B 96 15.80 10.98 -18.03
N ASN B 97 15.11 11.59 -17.08
CA ASN B 97 13.65 11.48 -17.01
C ASN B 97 12.93 12.21 -18.14
N ALA B 98 13.56 13.25 -18.67
CA ALA B 98 13.04 13.95 -19.83
C ALA B 98 12.96 13.02 -21.04
N ARG B 99 13.99 12.20 -21.22
CA ARG B 99 14.01 11.21 -22.31
C ARG B 99 12.97 10.11 -22.08
N ILE B 100 12.84 9.66 -20.83
CA ILE B 100 11.82 8.67 -20.46
C ILE B 100 10.43 9.18 -20.83
N LEU B 101 10.12 10.42 -20.46
CA LEU B 101 8.80 10.99 -20.70
C LEU B 101 8.49 11.24 -22.18
N ASP B 102 9.54 11.32 -23.02
CA ASP B 102 9.33 11.40 -24.47
C ASP B 102 8.59 10.16 -24.97
N SER B 103 9.06 8.99 -24.58
CA SER B 103 8.44 7.73 -25.01
C SER B 103 7.05 7.56 -24.38
N VAL B 104 6.88 8.04 -23.14
CA VAL B 104 5.58 7.99 -22.47
C VAL B 104 4.61 8.89 -23.23
N ALA B 105 5.05 10.09 -23.58
CA ALA B 105 4.25 11.04 -24.34
C ALA B 105 3.81 10.46 -25.68
N GLU B 106 4.69 9.70 -26.32
CA GLU B 106 4.37 9.02 -27.57
C GLU B 106 3.31 7.94 -27.34
N GLY B 107 3.49 7.15 -26.28
CA GLY B 107 2.54 6.10 -25.92
C GLY B 107 1.14 6.65 -25.66
N VAL B 108 1.07 7.73 -24.89
CA VAL B 108 -0.22 8.35 -24.53
C VAL B 108 -0.87 9.01 -25.76
N LYS B 109 -0.07 9.70 -26.55
CA LYS B 109 -0.58 10.38 -27.75
C LYS B 109 -1.24 9.38 -28.71
N LYS B 110 -0.61 8.22 -28.87
CA LYS B 110 -1.12 7.20 -29.79
C LYS B 110 -2.35 6.47 -29.26
N TYR B 111 -2.31 6.01 -28.01
CA TYR B 111 -3.30 5.04 -27.51
C TYR B 111 -4.42 5.61 -26.61
N CYS B 112 -4.17 6.70 -25.89
CA CYS B 112 -5.22 7.33 -25.07
C CYS B 112 -5.04 8.86 -24.98
N PRO B 113 -5.19 9.56 -26.12
CA PRO B 113 -4.93 11.00 -26.17
C PRO B 113 -5.94 11.85 -25.41
N ASN B 114 -7.13 11.31 -25.15
CA ASN B 114 -8.16 12.02 -24.38
C ASN B 114 -8.06 11.82 -22.86
N ALA B 115 -7.01 11.17 -22.39
CA ALA B 115 -6.87 10.87 -20.96
C ALA B 115 -6.42 12.08 -20.15
N PHE B 116 -6.74 12.05 -18.85
CA PHE B 116 -6.26 13.05 -17.91
C PHE B 116 -4.92 12.56 -17.39
N VAL B 117 -3.88 13.36 -17.52
CA VAL B 117 -2.52 12.94 -17.22
C VAL B 117 -2.02 13.61 -15.94
N ILE B 118 -1.65 12.78 -14.97
CA ILE B 118 -1.08 13.25 -13.71
C ILE B 118 0.37 12.80 -13.65
N CYS B 119 1.29 13.73 -13.81
CA CYS B 119 2.71 13.45 -13.78
C CYS B 119 3.26 13.48 -12.35
N ILE B 120 4.14 12.54 -12.04
CA ILE B 120 4.80 12.50 -10.73
C ILE B 120 6.33 12.59 -10.87
N THR B 121 6.87 11.97 -11.92
CA THR B 121 8.30 12.01 -12.21
C THR B 121 8.98 13.37 -11.93
N ASN B 122 10.03 13.35 -11.13
CA ASN B 122 10.83 14.55 -10.86
C ASN B 122 11.83 14.83 -11.99
N PRO B 123 12.24 16.10 -12.19
CA PRO B 123 11.80 17.31 -11.48
C PRO B 123 10.40 17.70 -11.94
N LEU B 124 9.46 17.66 -11.00
CA LEU B 124 8.03 17.59 -11.30
C LEU B 124 7.52 18.65 -12.28
N ASP B 125 7.69 19.91 -11.91
CA ASP B 125 7.08 21.02 -12.67
C ASP B 125 7.59 21.09 -14.11
N VAL B 126 8.88 20.86 -14.29
CA VAL B 126 9.49 20.85 -15.62
C VAL B 126 9.05 19.63 -16.42
N MET B 127 9.00 18.47 -15.77
CA MET B 127 8.56 17.24 -16.44
C MET B 127 7.13 17.38 -16.96
N VAL B 128 6.26 18.00 -16.18
CA VAL B 128 4.88 18.25 -16.58
C VAL B 128 4.85 19.12 -17.85
N SER B 129 5.63 20.20 -17.83
CA SER B 129 5.73 21.11 -18.96
C SER B 129 6.27 20.38 -20.19
N HIS B 130 7.31 19.58 -19.99
CA HIS B 130 7.91 18.79 -21.06
C HIS B 130 6.95 17.78 -21.66
N PHE B 131 6.24 17.05 -20.79
CA PHE B 131 5.29 16.04 -21.26
C PHE B 131 4.20 16.67 -22.12
N GLN B 132 3.67 17.80 -21.67
CA GLN B 132 2.60 18.49 -22.38
C GLN B 132 3.07 18.91 -23.78
N LYS B 133 4.28 19.45 -23.87
CA LYS B 133 4.87 19.86 -25.16
C LYS B 133 4.95 18.68 -26.14
N VAL B 134 5.66 17.65 -25.75
CA VAL B 134 5.91 16.50 -26.63
C VAL B 134 4.62 15.74 -26.96
N SER B 135 3.73 15.63 -25.98
CA SER B 135 2.48 14.89 -26.16
C SER B 135 1.45 15.67 -26.98
N GLY B 136 1.45 16.99 -26.82
CA GLY B 136 0.47 17.84 -27.50
C GLY B 136 -0.94 17.75 -26.93
N LEU B 137 -1.05 17.27 -25.69
CA LEU B 137 -2.35 17.19 -25.02
C LEU B 137 -2.76 18.57 -24.52
N PRO B 138 -4.08 18.82 -24.41
CA PRO B 138 -4.53 20.11 -23.87
C PRO B 138 -3.93 20.40 -22.51
N HIS B 139 -3.65 21.68 -22.25
CA HIS B 139 -3.01 22.11 -21.00
C HIS B 139 -3.82 21.71 -19.76
N ASN B 140 -5.15 21.72 -19.88
CA ASN B 140 -6.05 21.38 -18.77
C ASN B 140 -6.20 19.87 -18.53
N LYS B 141 -5.69 19.04 -19.44
CA LYS B 141 -5.70 17.59 -19.29
C LYS B 141 -4.33 17.02 -18.88
N VAL B 142 -3.40 17.91 -18.54
CA VAL B 142 -2.05 17.54 -18.15
C VAL B 142 -1.67 18.35 -16.91
N CYS B 143 -1.25 17.67 -15.84
CA CYS B 143 -0.84 18.36 -14.61
C CYS B 143 0.12 17.51 -13.79
N GLY B 144 0.66 18.08 -12.72
CA GLY B 144 1.64 17.40 -11.89
C GLY B 144 1.21 17.26 -10.44
N MET B 145 1.50 16.10 -9.86
CA MET B 145 1.27 15.87 -8.44
C MET B 145 2.45 16.42 -7.66
N ALA B 146 2.15 17.33 -6.74
CA ALA B 146 3.16 17.91 -5.86
C ALA B 146 2.49 18.61 -4.68
N GLY B 147 1.63 19.57 -5.00
CA GLY B 147 0.97 20.40 -3.99
C GLY B 147 0.22 19.61 -2.93
N VAL B 148 -0.46 18.54 -3.35
CA VAL B 148 -1.20 17.72 -2.38
C VAL B 148 -0.24 17.09 -1.38
N LEU B 149 0.90 16.60 -1.86
CA LEU B 149 1.91 16.02 -0.99
C LEU B 149 2.50 17.09 -0.06
N ASP B 150 2.96 18.19 -0.66
CA ASP B 150 3.57 19.27 0.11
C ASP B 150 2.59 19.90 1.10
N SER B 151 1.36 20.16 0.63
CA SER B 151 0.32 20.73 1.49
C SER B 151 -0.06 19.78 2.61
N SER B 152 -0.11 18.47 2.31
CA SER B 152 -0.44 17.46 3.32
C SER B 152 0.61 17.45 4.42
N ARG B 153 1.88 17.56 4.04
CA ARG B 153 2.97 17.65 5.03
C ARG B 153 2.82 18.92 5.87
N PHE B 154 2.55 20.03 5.20
CA PHE B 154 2.35 21.34 5.85
C PHE B 154 1.22 21.23 6.88
N ARG B 155 0.08 20.70 6.43
CA ARG B 155 -1.08 20.50 7.30
C ARG B 155 -0.74 19.57 8.46
N THR B 156 -0.02 18.49 8.16
CA THR B 156 0.35 17.51 9.17
C THR B 156 1.22 18.15 10.25
N PHE B 157 2.19 18.97 9.86
CA PHE B 157 3.09 19.61 10.84
C PHE B 157 2.38 20.69 11.65
N ILE B 158 1.47 21.42 11.01
CA ILE B 158 0.62 22.37 11.73
C ILE B 158 -0.24 21.64 12.75
N ALA B 159 -0.88 20.56 12.32
CA ALA B 159 -1.76 19.76 13.16
C ALA B 159 -1.01 19.15 14.35
N GLN B 160 0.20 18.66 14.09
CA GLN B 160 1.04 18.08 15.14
C GLN B 160 1.40 19.10 16.22
N HIS B 161 1.54 20.37 15.85
CA HIS B 161 1.83 21.41 16.84
C HIS B 161 0.65 21.63 17.79
N PHE B 162 -0.54 21.81 17.22
CA PHE B 162 -1.73 22.10 18.02
C PHE B 162 -2.37 20.85 18.64
N GLY B 163 -1.93 19.66 18.23
CA GLY B 163 -2.53 18.42 18.72
C GLY B 163 -3.97 18.25 18.25
N VAL B 164 -4.21 18.58 16.98
CA VAL B 164 -5.55 18.49 16.38
C VAL B 164 -5.51 17.62 15.13
N ASN B 165 -6.70 17.23 14.68
CA ASN B 165 -6.88 16.46 13.46
C ASN B 165 -6.41 17.28 12.26
N ALA B 166 -5.49 16.72 11.48
CA ALA B 166 -4.95 17.42 10.31
C ALA B 166 -6.00 17.74 9.25
N SER B 167 -7.05 16.93 9.18
CA SER B 167 -8.16 17.17 8.23
C SER B 167 -8.85 18.50 8.47
N ASP B 168 -8.76 19.02 9.69
CA ASP B 168 -9.38 20.30 10.03
C ASP B 168 -8.42 21.49 9.87
N VAL B 169 -7.24 21.24 9.31
CA VAL B 169 -6.31 22.29 8.97
C VAL B 169 -6.43 22.58 7.48
N SER B 170 -6.70 23.85 7.14
CA SER B 170 -6.61 24.31 5.76
C SER B 170 -5.25 24.95 5.57
N ALA B 171 -4.47 24.43 4.63
CA ALA B 171 -3.13 24.95 4.37
C ALA B 171 -2.67 24.58 2.96
N ASN B 172 -2.03 25.54 2.30
CA ASN B 172 -1.60 25.38 0.92
C ASN B 172 -0.11 25.62 0.76
N VAL B 173 0.52 24.77 -0.04
CA VAL B 173 1.87 25.01 -0.53
C VAL B 173 1.74 25.30 -2.03
N ILE B 174 2.35 26.41 -2.48
CA ILE B 174 2.34 26.79 -3.89
C ILE B 174 3.76 26.90 -4.43
N GLY B 175 3.86 27.15 -5.73
CA GLY B 175 5.15 27.26 -6.40
C GLY B 175 5.68 25.90 -6.82
N GLY B 176 6.95 25.86 -7.23
CA GLY B 176 7.55 24.65 -7.74
C GLY B 176 7.81 23.62 -6.65
N HIS B 177 7.84 22.35 -7.05
CA HIS B 177 8.12 21.26 -6.13
C HIS B 177 9.63 21.20 -5.92
N GLY B 178 10.13 22.08 -5.08
CA GLY B 178 11.55 22.17 -4.78
C GLY B 178 11.78 22.96 -3.52
N ASP B 179 13.05 23.29 -3.25
CA ASP B 179 13.42 24.08 -2.08
C ASP B 179 12.71 25.43 -2.03
N GLY B 180 12.40 25.99 -3.20
CA GLY B 180 11.68 27.26 -3.29
C GLY B 180 10.16 27.17 -3.16
N MET B 181 9.64 26.00 -2.78
CA MET B 181 8.20 25.86 -2.55
C MET B 181 7.78 26.81 -1.44
N VAL B 182 6.57 27.35 -1.56
CA VAL B 182 6.07 28.37 -0.64
C VAL B 182 4.87 27.84 0.16
N PRO B 183 5.12 27.40 1.42
CA PRO B 183 4.01 27.17 2.33
C PRO B 183 3.36 28.50 2.74
N ALA B 184 2.17 28.77 2.22
CA ALA B 184 1.50 30.04 2.44
C ALA B 184 0.90 30.11 3.84
N THR B 185 1.71 30.58 4.80
CA THR B 185 1.27 30.72 6.19
C THR B 185 0.11 31.69 6.36
N SER B 186 0.02 32.68 5.46
CA SER B 186 -1.06 33.66 5.51
C SER B 186 -2.44 33.06 5.30
N SER B 187 -2.51 31.97 4.53
CA SER B 187 -3.79 31.33 4.20
C SER B 187 -4.09 30.14 5.12
N VAL B 188 -3.25 29.91 6.13
CA VAL B 188 -3.46 28.80 7.05
C VAL B 188 -4.59 29.09 8.02
N SER B 189 -5.48 28.12 8.22
CA SER B 189 -6.46 28.16 9.30
C SER B 189 -6.61 26.79 9.96
N VAL B 190 -6.96 26.82 11.24
CA VAL B 190 -7.22 25.62 12.01
C VAL B 190 -8.64 25.73 12.54
N GLY B 191 -9.56 25.03 11.89
CA GLY B 191 -10.98 25.10 12.23
C GLY B 191 -11.55 26.50 12.14
N GLY B 192 -11.02 27.30 11.21
CA GLY B 192 -11.45 28.68 11.02
C GLY B 192 -10.53 29.73 11.65
N VAL B 193 -9.69 29.30 12.59
CA VAL B 193 -8.78 30.23 13.30
C VAL B 193 -7.46 30.38 12.54
N PRO B 194 -7.07 31.62 12.22
CA PRO B 194 -5.80 31.82 11.52
C PRO B 194 -4.61 31.83 12.46
N LEU B 195 -3.41 31.70 11.90
CA LEU B 195 -2.18 31.69 12.70
C LEU B 195 -1.95 32.99 13.48
N SER B 196 -2.38 34.12 12.92
CA SER B 196 -2.25 35.40 13.60
C SER B 196 -2.94 35.38 14.97
N SER B 197 -4.14 34.80 15.02
CA SER B 197 -4.88 34.67 16.27
C SER B 197 -4.16 33.78 17.27
N PHE B 198 -3.56 32.69 16.78
CA PHE B 198 -2.82 31.77 17.65
C PHE B 198 -1.58 32.41 18.24
N ILE B 199 -0.97 33.36 17.51
CA ILE B 199 0.16 34.13 18.03
C ILE B 199 -0.33 34.98 19.20
N LYS B 200 -1.31 35.85 18.93
CA LYS B 200 -1.89 36.72 19.97
C LYS B 200 -2.36 35.94 21.19
N GLN B 201 -2.89 34.74 20.97
CA GLN B 201 -3.35 33.87 22.06
C GLN B 201 -2.21 33.15 22.78
N GLY B 202 -1.00 33.21 22.22
CA GLY B 202 0.16 32.58 22.83
C GLY B 202 0.13 31.06 22.75
N LEU B 203 -0.48 30.53 21.69
CA LEU B 203 -0.55 29.09 21.47
C LEU B 203 0.47 28.63 20.42
N ILE B 204 1.08 29.59 19.72
CA ILE B 204 2.19 29.31 18.82
C ILE B 204 3.07 30.57 18.69
N THR B 205 4.36 30.37 18.47
CA THR B 205 5.31 31.46 18.25
C THR B 205 5.68 31.54 16.77
N GLN B 206 6.04 32.73 16.32
CA GLN B 206 6.49 32.92 14.93
C GLN B 206 7.68 32.00 14.61
N GLU B 207 8.51 31.75 15.62
CA GLU B 207 9.63 30.82 15.50
C GLU B 207 9.14 29.41 15.15
N GLN B 208 8.11 28.95 15.86
CA GLN B 208 7.52 27.64 15.61
C GLN B 208 6.88 27.56 14.22
N ILE B 209 6.28 28.67 13.78
CA ILE B 209 5.74 28.76 12.42
C ILE B 209 6.86 28.63 11.39
N ASP B 210 7.99 29.30 11.64
CA ASP B 210 9.14 29.23 10.75
C ASP B 210 9.74 27.83 10.68
N GLU B 211 9.75 27.13 11.81
CA GLU B 211 10.23 25.75 11.85
C GLU B 211 9.34 24.84 11.01
N ILE B 212 8.02 25.01 11.12
CA ILE B 212 7.05 24.25 10.34
C ILE B 212 7.22 24.51 8.84
N VAL B 213 7.39 25.78 8.48
CA VAL B 213 7.62 26.16 7.08
C VAL B 213 8.88 25.48 6.54
N CYS B 214 9.96 25.54 7.32
CA CYS B 214 11.22 24.91 6.92
C CYS B 214 11.06 23.40 6.81
N HIS B 215 10.46 22.80 7.84
CA HIS B 215 10.19 21.36 7.88
C HIS B 215 9.44 20.88 6.63
N THR B 216 8.46 21.65 6.19
CA THR B 216 7.72 21.35 4.96
C THR B 216 8.65 21.31 3.74
N ARG B 217 9.47 22.35 3.59
CA ARG B 217 10.38 22.49 2.44
C ARG B 217 11.39 21.35 2.27
N ILE B 218 11.89 20.81 3.39
CA ILE B 218 12.91 19.76 3.37
C ILE B 218 12.37 18.39 3.81
N ALA B 219 11.05 18.26 3.88
CA ALA B 219 10.40 17.04 4.35
C ALA B 219 10.84 15.80 3.57
N TRP B 220 11.08 15.96 2.27
CA TRP B 220 11.48 14.84 1.42
C TRP B 220 12.79 14.20 1.88
N LYS B 221 13.74 15.01 2.34
CA LYS B 221 15.03 14.51 2.81
C LYS B 221 14.89 13.69 4.07
N GLU B 222 14.04 14.16 4.99
CA GLU B 222 13.83 13.45 6.26
C GLU B 222 13.40 12.01 6.02
N VAL B 223 12.48 11.81 5.09
CA VAL B 223 12.01 10.48 4.72
C VAL B 223 13.13 9.72 3.99
N ALA B 224 13.70 10.35 2.95
CA ALA B 224 14.71 9.69 2.12
C ALA B 224 15.93 9.23 2.92
N ASP B 225 16.36 10.06 3.88
CA ASP B 225 17.50 9.72 4.74
C ASP B 225 17.27 8.47 5.60
N ASN B 226 16.00 8.16 5.89
CA ASN B 226 15.67 7.01 6.72
C ASN B 226 15.39 5.72 5.93
N LEU B 227 14.79 5.86 4.75
CA LEU B 227 14.45 4.69 3.91
C LEU B 227 15.69 3.94 3.43
N LYS B 228 16.71 4.69 3.00
CA LYS B 228 17.97 4.13 2.50
C LYS B 228 17.86 3.32 1.20
N THR B 229 16.66 3.26 0.62
CA THR B 229 16.51 3.02 -0.81
C THR B 229 15.43 3.98 -1.32
N GLY B 230 15.84 4.97 -2.10
CA GLY B 230 14.89 5.86 -2.76
C GLY B 230 14.22 6.87 -1.86
N THR B 231 13.15 7.46 -2.38
CA THR B 231 12.47 8.57 -1.74
C THR B 231 11.04 8.18 -1.32
N ALA B 232 10.32 9.13 -0.72
CA ALA B 232 8.95 8.88 -0.24
C ALA B 232 8.09 8.26 -1.33
N TYR B 233 7.20 7.36 -0.95
CA TYR B 233 6.36 6.67 -1.92
C TYR B 233 4.96 6.27 -1.43
N PHE B 234 4.76 6.16 -0.11
CA PHE B 234 3.42 5.88 0.42
C PHE B 234 2.48 7.08 0.25
N ALA B 235 2.95 8.26 0.62
CA ALA B 235 2.14 9.48 0.54
C ALA B 235 2.00 10.03 -0.88
N PRO B 236 3.09 10.01 -1.68
CA PRO B 236 2.95 10.41 -3.08
C PRO B 236 1.93 9.57 -3.86
N ALA B 237 1.88 8.26 -3.59
CA ALA B 237 0.89 7.40 -4.21
C ALA B 237 -0.51 7.84 -3.85
N ALA B 238 -0.73 8.09 -2.56
CA ALA B 238 -2.05 8.50 -2.06
C ALA B 238 -2.48 9.85 -2.63
N ALA B 239 -1.53 10.78 -2.73
CA ALA B 239 -1.81 12.09 -3.29
C ALA B 239 -2.30 11.99 -4.73
N ALA B 240 -1.63 11.16 -5.53
CA ALA B 240 -2.02 10.94 -6.92
C ALA B 240 -3.43 10.34 -7.00
N VAL B 241 -3.76 9.46 -6.07
CA VAL B 241 -5.09 8.84 -6.05
C VAL B 241 -6.17 9.89 -5.77
N LYS B 242 -5.90 10.80 -4.84
CA LYS B 242 -6.87 11.87 -4.55
C LYS B 242 -7.13 12.72 -5.79
N MET B 243 -6.09 13.01 -6.54
CA MET B 243 -6.22 13.75 -7.79
C MET B 243 -7.05 12.97 -8.81
N ALA B 244 -6.77 11.68 -8.93
CA ALA B 244 -7.54 10.81 -9.84
C ALA B 244 -9.02 10.78 -9.47
N GLU B 245 -9.30 10.63 -8.17
CA GLU B 245 -10.67 10.69 -7.63
C GLU B 245 -11.42 11.95 -8.07
N ALA B 246 -10.75 13.09 -7.92
CA ALA B 246 -11.36 14.39 -8.23
C ALA B 246 -11.81 14.46 -9.68
N TYR B 247 -11.02 13.86 -10.57
CA TYR B 247 -11.33 13.81 -11.99
C TYR B 247 -12.46 12.82 -12.26
N LEU B 248 -12.27 11.58 -11.82
CA LEU B 248 -13.21 10.49 -12.12
C LEU B 248 -14.60 10.69 -11.51
N LYS B 249 -14.66 11.32 -10.34
CA LYS B 249 -15.94 11.58 -9.67
C LYS B 249 -16.43 13.03 -9.84
N ASP B 250 -15.77 13.78 -10.72
CA ASP B 250 -16.14 15.16 -11.02
C ASP B 250 -16.40 15.98 -9.76
N LYS B 251 -15.45 15.94 -8.83
CA LYS B 251 -15.65 16.53 -7.50
C LYS B 251 -15.75 18.06 -7.47
N LYS B 252 -15.15 18.73 -8.46
CA LYS B 252 -14.92 20.18 -8.39
C LYS B 252 -14.10 20.47 -7.13
N ALA B 253 -13.07 19.67 -6.91
CA ALA B 253 -12.29 19.70 -5.69
C ALA B 253 -11.14 20.69 -5.80
N VAL B 254 -10.81 21.32 -4.68
CA VAL B 254 -9.66 22.22 -4.62
C VAL B 254 -8.41 21.37 -4.45
N VAL B 255 -7.57 21.38 -5.49
CA VAL B 255 -6.38 20.53 -5.53
C VAL B 255 -5.15 21.36 -5.87
N PRO B 256 -4.25 21.54 -4.89
CA PRO B 256 -2.97 22.17 -5.21
C PRO B 256 -2.09 21.24 -6.04
N CYS B 257 -1.85 21.61 -7.30
CA CYS B 257 -1.03 20.81 -8.19
C CYS B 257 -0.31 21.70 -9.21
N SER B 258 0.64 21.10 -9.94
CA SER B 258 1.37 21.81 -10.98
C SER B 258 0.51 21.91 -12.23
N ALA B 259 -0.01 23.11 -12.48
CA ALA B 259 -0.95 23.36 -13.57
C ALA B 259 -0.53 24.56 -14.40
N PHE B 260 -1.05 24.64 -15.62
CA PHE B 260 -0.68 25.71 -16.55
C PHE B 260 -1.34 27.02 -16.15
N CYS B 261 -0.59 27.89 -15.49
CA CYS B 261 -1.07 29.17 -15.00
C CYS B 261 -0.71 30.27 -16.00
N SER B 262 -1.72 30.87 -16.63
CA SER B 262 -1.50 31.82 -17.73
C SER B 262 -2.09 33.23 -17.50
N ASN B 263 -2.54 33.50 -16.28
CA ASN B 263 -3.15 34.79 -15.93
C ASN B 263 -2.95 35.17 -14.47
N HIS B 264 -3.20 34.20 -13.60
CA HIS B 264 -3.16 34.40 -12.15
C HIS B 264 -1.72 34.43 -11.67
N TYR B 265 -1.52 34.99 -10.47
CA TYR B 265 -0.20 35.07 -9.84
C TYR B 265 0.88 35.79 -10.69
N GLY B 266 0.44 36.71 -11.54
CA GLY B 266 1.35 37.50 -12.37
C GLY B 266 2.25 36.67 -13.27
N VAL B 267 1.68 35.64 -13.90
CA VAL B 267 2.40 34.84 -14.89
C VAL B 267 1.52 34.65 -16.12
N LYS B 268 2.14 34.47 -17.28
CA LYS B 268 1.43 34.47 -18.56
C LYS B 268 1.37 33.10 -19.26
N GLY B 269 2.09 32.11 -18.74
CA GLY B 269 2.10 30.77 -19.33
C GLY B 269 3.21 29.92 -18.75
N ILE B 270 2.92 29.21 -17.66
CA ILE B 270 3.92 28.40 -16.97
C ILE B 270 3.23 27.32 -16.12
N TYR B 271 3.88 26.17 -16.02
CA TYR B 271 3.43 25.10 -15.12
C TYR B 271 4.05 25.31 -13.74
N MET B 272 3.20 25.50 -12.73
CA MET B 272 3.67 25.62 -11.35
C MET B 272 2.58 25.23 -10.36
N GLY B 273 2.98 25.02 -9.11
CA GLY B 273 2.05 24.62 -8.06
C GLY B 273 1.07 25.72 -7.71
N VAL B 274 -0.21 25.48 -7.99
CA VAL B 274 -1.29 26.40 -7.67
C VAL B 274 -2.54 25.63 -7.23
N PRO B 275 -3.40 26.26 -6.40
CA PRO B 275 -4.66 25.63 -6.03
C PRO B 275 -5.63 25.64 -7.20
N THR B 276 -6.01 24.46 -7.67
CA THR B 276 -6.89 24.32 -8.83
C THR B 276 -8.24 23.77 -8.43
N ILE B 277 -9.19 23.86 -9.35
CA ILE B 277 -10.43 23.10 -9.27
C ILE B 277 -10.32 21.97 -10.28
N ILE B 278 -10.38 20.74 -9.81
CA ILE B 278 -10.35 19.57 -10.70
C ILE B 278 -11.73 18.92 -10.77
N GLY B 279 -12.17 18.64 -11.98
CA GLY B 279 -13.43 17.94 -12.22
C GLY B 279 -13.33 17.11 -13.48
N LYS B 280 -14.47 16.77 -14.06
CA LYS B 280 -14.53 15.92 -15.25
C LYS B 280 -13.76 16.46 -16.48
N ASN B 281 -13.56 17.78 -16.55
CA ASN B 281 -12.81 18.38 -17.66
C ASN B 281 -11.35 18.67 -17.29
N GLY B 282 -10.86 18.01 -16.25
CA GLY B 282 -9.47 18.16 -15.82
C GLY B 282 -9.33 19.37 -14.93
N VAL B 283 -8.26 20.15 -15.14
CA VAL B 283 -8.03 21.38 -14.38
C VAL B 283 -8.99 22.45 -14.91
N GLU B 284 -10.10 22.62 -14.21
CA GLU B 284 -11.20 23.47 -14.67
C GLU B 284 -11.05 24.93 -14.23
N ASP B 285 -10.20 25.20 -13.24
CA ASP B 285 -10.03 26.55 -12.72
C ASP B 285 -8.79 26.68 -11.86
N ILE B 286 -8.34 27.91 -11.66
CA ILE B 286 -7.23 28.21 -10.76
C ILE B 286 -7.65 29.32 -9.80
N LEU B 287 -7.36 29.13 -8.50
CA LEU B 287 -7.77 30.08 -7.47
C LEU B 287 -6.60 30.99 -7.08
N GLU B 288 -6.92 32.27 -6.87
CA GLU B 288 -5.92 33.26 -6.46
C GLU B 288 -5.92 33.40 -4.95
N LEU B 289 -4.86 32.94 -4.30
CA LEU B 289 -4.70 33.13 -2.87
C LEU B 289 -4.34 34.59 -2.58
N ASP B 290 -4.72 35.06 -1.41
CA ASP B 290 -4.38 36.41 -0.96
C ASP B 290 -3.00 36.39 -0.31
N LEU B 291 -1.96 36.46 -1.14
CA LEU B 291 -0.57 36.37 -0.67
C LEU B 291 -0.03 37.70 -0.13
N THR B 292 0.80 37.62 0.90
CA THR B 292 1.50 38.79 1.43
C THR B 292 2.55 39.25 0.42
N PRO B 293 3.15 40.44 0.65
CA PRO B 293 4.28 40.88 -0.18
C PRO B 293 5.45 39.90 -0.13
N LEU B 294 5.78 39.43 1.08
CA LEU B 294 6.83 38.44 1.27
C LEU B 294 6.56 37.18 0.46
N GLU B 295 5.33 36.67 0.54
CA GLU B 295 4.95 35.44 -0.14
C GLU B 295 4.97 35.60 -1.65
N GLN B 296 4.57 36.78 -2.13
CA GLN B 296 4.68 37.12 -3.56
C GLN B 296 6.13 37.10 -4.02
N LYS B 297 7.03 37.57 -3.15
CA LYS B 297 8.47 37.57 -3.44
C LYS B 297 9.01 36.14 -3.48
N LEU B 298 8.68 35.34 -2.47
CA LEU B 298 9.13 33.94 -2.41
C LEU B 298 8.61 33.14 -3.61
N LEU B 299 7.38 33.42 -4.02
CA LEU B 299 6.79 32.76 -5.18
C LEU B 299 7.53 33.16 -6.46
N GLY B 300 7.88 34.44 -6.57
CA GLY B 300 8.65 34.94 -7.72
C GLY B 300 9.97 34.22 -7.88
N GLU B 301 10.64 33.97 -6.77
CA GLU B 301 11.91 33.25 -6.77
C GLU B 301 11.73 31.81 -7.23
N SER B 302 10.62 31.19 -6.81
CA SER B 302 10.27 29.84 -7.23
C SER B 302 10.00 29.77 -8.73
N ILE B 303 9.32 30.79 -9.26
CA ILE B 303 9.06 30.89 -10.70
C ILE B 303 10.38 30.96 -11.48
N ASN B 304 11.31 31.76 -10.99
CA ASN B 304 12.63 31.88 -11.61
C ASN B 304 13.39 30.55 -11.56
N GLU B 305 13.39 29.93 -10.38
CA GLU B 305 13.99 28.61 -10.18
C GLU B 305 13.43 27.57 -11.15
N VAL B 306 12.12 27.63 -11.40
CA VAL B 306 11.47 26.72 -12.34
C VAL B 306 11.82 27.05 -13.79
N ASN B 307 11.86 28.34 -14.11
CA ASN B 307 12.22 28.80 -15.45
C ASN B 307 13.67 28.47 -15.80
N THR B 308 14.56 28.57 -14.81
CA THR B 308 15.96 28.20 -14.97
C THR B 308 16.08 26.77 -15.48
N ILE B 309 15.56 25.83 -14.68
CA ILE B 309 15.73 24.40 -14.98
C ILE B 309 15.03 24.05 -16.30
N SER B 310 13.90 24.72 -16.56
CA SER B 310 13.19 24.54 -17.83
C SER B 310 14.07 24.99 -19.00
N LYS B 311 14.75 26.12 -18.84
CA LYS B 311 15.60 26.66 -19.89
C LYS B 311 16.81 25.75 -20.16
N VAL B 312 17.36 25.16 -19.11
CA VAL B 312 18.46 24.20 -19.25
C VAL B 312 18.05 23.00 -20.10
N LEU B 313 16.80 22.54 -19.92
CA LEU B 313 16.28 21.41 -20.68
C LEU B 313 16.09 21.76 -22.15
N ASP B 314 15.61 22.97 -22.42
CA ASP B 314 15.34 23.41 -23.79
C ASP B 314 16.61 23.45 -24.65
N ASN B 315 17.75 23.69 -24.01
CA ASN B 315 19.04 23.70 -24.69
C ASN B 315 19.72 22.35 -24.60
N ALA B 316 19.26 21.40 -25.44
CA ALA B 316 19.82 20.06 -25.49
C ALA B 316 21.11 20.08 -26.32
N PRO B 317 22.27 19.86 -25.68
CA PRO B 317 23.53 19.89 -26.43
C PRO B 317 23.73 18.64 -27.29
#